data_5Z9M
#
_entry.id   5Z9M
#
_cell.length_a   97.380
_cell.length_b   101.790
_cell.length_c   104.860
_cell.angle_alpha   90.00
_cell.angle_beta   90.00
_cell.angle_gamma   90.00
#
_symmetry.space_group_name_H-M   'P 21 21 21'
#
loop_
_entity.id
_entity.type
_entity.pdbx_description
1 polymer 'DNA gyrase subunit B'
2 non-polymer '1-benzofuran-2-carboxylic acid'
3 non-polymer 'SULFATE ION'
4 water water
#
_entity_poly.entity_id   1
_entity_poly.type   'polypeptide(L)'
_entity_poly.pdbx_seq_one_letter_code
;GLDAVRKRPGMYIGDTDDGTGLHHMVFEVVDNAIDEALAGHCKEIIVTIHADNSVSVQDDGRGIPTGIHPEEGVSAAEVI
MTVLHAGGKFDDNSYKVSGGLHGVGVSVVNALSQKLELVIQREGKIHRQIYEHGVPQAPLAVTGETEKTGTMVRFWPSLE
TFTNVTEFEYEILAKRLRELSFLNSGVSIRLRDKRDGKEDHFHYEGG
;
_entity_poly.pdbx_strand_id   A,B
#
# COMPACT_ATOMS: atom_id res chain seq x y z
N LEU A 2 18.09 7.73 -13.28
CA LEU A 2 17.12 6.98 -12.41
C LEU A 2 17.24 7.18 -10.88
N ASP A 3 18.30 7.81 -10.40
CA ASP A 3 18.46 8.14 -8.98
C ASP A 3 18.15 9.62 -8.68
N ALA A 4 18.38 10.50 -9.65
CA ALA A 4 17.94 11.89 -9.56
C ALA A 4 16.43 11.98 -9.40
N VAL A 5 15.71 11.04 -10.03
CA VAL A 5 14.26 10.93 -9.95
C VAL A 5 13.81 10.60 -8.53
N ARG A 6 14.45 9.62 -7.93
CA ARG A 6 14.13 9.21 -6.57
C ARG A 6 14.42 10.33 -5.56
N LYS A 7 15.44 11.16 -5.82
CA LYS A 7 15.83 12.25 -4.91
C LYS A 7 14.95 13.52 -5.01
N ARG A 8 14.45 13.84 -6.21
CA ARG A 8 13.56 15.00 -6.39
C ARG A 8 12.33 14.64 -7.27
N PRO A 9 11.45 13.75 -6.76
CA PRO A 9 10.36 13.16 -7.56
C PRO A 9 9.29 14.11 -8.07
N GLY A 10 9.00 15.17 -7.31
CA GLY A 10 7.99 16.16 -7.68
C GLY A 10 8.22 16.84 -9.02
N MET A 11 9.49 17.10 -9.34
CA MET A 11 9.88 17.62 -10.65
C MET A 11 9.38 16.71 -11.76
N TYR A 12 9.54 15.41 -11.56
CA TYR A 12 9.20 14.41 -12.58
C TYR A 12 7.74 13.95 -12.60
N ILE A 13 7.13 13.78 -11.44
CA ILE A 13 5.78 13.18 -11.36
C ILE A 13 4.67 14.14 -10.93
N GLY A 14 5.01 15.23 -10.24
CA GLY A 14 4.02 16.16 -9.67
C GLY A 14 4.00 16.05 -8.15
N ASP A 15 3.09 16.77 -7.52
CA ASP A 15 3.06 16.86 -6.05
C ASP A 15 2.89 15.46 -5.44
N THR A 16 3.87 15.06 -4.62
CA THR A 16 3.86 13.77 -3.94
C THR A 16 3.14 13.79 -2.58
N ASP A 17 2.55 14.92 -2.21
CA ASP A 17 1.81 15.03 -0.95
C ASP A 17 0.29 15.18 -1.09
N ASP A 18 -0.22 15.64 -2.24
CA ASP A 18 -1.67 15.88 -2.40
C ASP A 18 -2.42 14.86 -3.29
N GLY A 19 -1.75 13.80 -3.70
CA GLY A 19 -2.35 12.78 -4.57
C GLY A 19 -2.18 12.98 -6.06
N THR A 20 -1.80 14.19 -6.49
CA THR A 20 -1.59 14.48 -7.92
C THR A 20 -0.54 13.57 -8.54
N GLY A 21 0.65 13.55 -7.97
CA GLY A 21 1.73 12.68 -8.42
C GLY A 21 1.32 11.22 -8.48
N LEU A 22 0.69 10.77 -7.40
CA LEU A 22 0.22 9.38 -7.27
C LEU A 22 -0.68 8.92 -8.41
N HIS A 23 -1.66 9.74 -8.77
CA HIS A 23 -2.57 9.38 -9.87
C HIS A 23 -1.95 9.61 -11.23
N HIS A 24 -1.02 10.53 -11.34
CA HIS A 24 -0.26 10.70 -12.57
C HIS A 24 0.58 9.45 -12.90
N MET A 25 1.01 8.72 -11.87
CA MET A 25 1.68 7.43 -12.06
C MET A 25 0.82 6.52 -12.93
N VAL A 26 -0.47 6.41 -12.60
CA VAL A 26 -1.40 5.60 -13.37
C VAL A 26 -1.48 6.11 -14.82
N PHE A 27 -1.68 7.41 -14.97
CA PHE A 27 -1.92 7.97 -16.29
C PHE A 27 -0.72 7.83 -17.21
N GLU A 28 0.48 7.88 -16.64
CA GLU A 28 1.69 7.64 -17.42
C GLU A 28 1.78 6.21 -17.95
N VAL A 29 1.30 5.25 -17.18
CA VAL A 29 1.25 3.86 -17.65
C VAL A 29 0.13 3.72 -18.69
N VAL A 30 -1.01 4.34 -18.42
CA VAL A 30 -2.12 4.34 -19.37
C VAL A 30 -1.71 4.96 -20.70
N ASP A 31 -0.95 6.06 -20.66
CA ASP A 31 -0.37 6.69 -21.89
C ASP A 31 0.34 5.72 -22.80
N ASN A 32 1.13 4.83 -22.19
CA ASN A 32 1.85 3.79 -22.93
C ASN A 32 0.89 2.91 -23.74
N ALA A 33 -0.22 2.54 -23.13
CA ALA A 33 -1.25 1.74 -23.76
C ALA A 33 -2.00 2.51 -24.82
N ILE A 34 -2.29 3.78 -24.56
CA ILE A 34 -2.96 4.64 -25.53
C ILE A 34 -2.09 4.88 -26.76
N ASP A 35 -0.76 4.94 -26.60
CA ASP A 35 0.16 5.04 -27.75
C ASP A 35 -0.02 3.89 -28.74
N GLU A 36 -0.23 2.69 -28.21
CA GLU A 36 -0.53 1.51 -29.05
C GLU A 36 -1.88 1.60 -29.75
N ALA A 37 -2.86 2.20 -29.08
CA ALA A 37 -4.20 2.40 -29.66
C ALA A 37 -4.21 3.42 -30.80
N LEU A 38 -3.47 4.53 -30.63
CA LEU A 38 -3.34 5.55 -31.69
C LEU A 38 -2.58 5.02 -32.91
N ALA A 39 -1.64 4.10 -32.71
CA ALA A 39 -0.97 3.42 -33.82
C ALA A 39 -1.82 2.28 -34.44
N GLY A 40 -2.96 1.96 -33.83
CA GLY A 40 -3.95 1.05 -34.43
C GLY A 40 -3.86 -0.41 -34.00
N HIS A 41 -3.01 -0.73 -33.03
CA HIS A 41 -2.76 -2.13 -32.64
C HIS A 41 -3.50 -2.61 -31.40
N CYS A 42 -3.94 -1.67 -30.57
CA CYS A 42 -4.60 -1.97 -29.31
C CYS A 42 -6.05 -1.53 -29.42
N LYS A 43 -6.98 -2.45 -29.18
CA LYS A 43 -8.41 -2.15 -29.18
C LYS A 43 -9.02 -2.13 -27.77
N GLU A 44 -8.33 -2.71 -26.78
CA GLU A 44 -8.87 -2.86 -25.42
C GLU A 44 -7.82 -2.63 -24.33
N ILE A 45 -8.17 -1.81 -23.35
CA ILE A 45 -7.32 -1.51 -22.18
C ILE A 45 -8.12 -1.76 -20.90
N ILE A 46 -7.50 -2.40 -19.92
CA ILE A 46 -8.16 -2.65 -18.61
C ILE A 46 -7.28 -2.05 -17.53
N VAL A 47 -7.82 -1.09 -16.79
CA VAL A 47 -7.15 -0.49 -15.63
C VAL A 47 -7.81 -1.09 -14.40
N THR A 48 -7.01 -1.62 -13.48
CA THR A 48 -7.52 -2.31 -12.31
C THR A 48 -6.87 -1.72 -11.07
N ILE A 49 -7.69 -1.30 -10.11
CA ILE A 49 -7.21 -0.90 -8.78
C ILE A 49 -7.31 -2.12 -7.88
N HIS A 50 -6.17 -2.66 -7.48
CA HIS A 50 -6.13 -3.83 -6.61
C HIS A 50 -6.29 -3.40 -5.17
N ALA A 51 -6.56 -4.37 -4.31
CA ALA A 51 -6.84 -4.11 -2.90
C ALA A 51 -5.57 -4.04 -2.03
N ASP A 52 -4.41 -4.35 -2.62
CA ASP A 52 -3.11 -4.26 -1.95
C ASP A 52 -2.34 -2.98 -2.32
N ASN A 53 -3.06 -1.92 -2.66
CA ASN A 53 -2.49 -0.65 -3.06
C ASN A 53 -1.56 -0.69 -4.28
N SER A 54 -2.02 -1.40 -5.31
CA SER A 54 -1.35 -1.43 -6.60
C SER A 54 -2.39 -1.19 -7.68
N VAL A 55 -1.93 -0.71 -8.81
CA VAL A 55 -2.76 -0.53 -9.98
C VAL A 55 -2.11 -1.29 -11.11
N SER A 56 -2.91 -1.96 -11.91
CA SER A 56 -2.41 -2.57 -13.13
C SER A 56 -3.09 -1.96 -14.36
N VAL A 57 -2.35 -1.91 -15.45
CA VAL A 57 -2.87 -1.51 -16.73
C VAL A 57 -2.53 -2.63 -17.70
N GLN A 58 -3.57 -3.15 -18.34
CA GLN A 58 -3.43 -4.22 -19.32
C GLN A 58 -3.87 -3.70 -20.68
N ASP A 59 -3.09 -3.96 -21.73
CA ASP A 59 -3.50 -3.68 -23.11
C ASP A 59 -3.35 -4.91 -23.99
N ASP A 60 -4.02 -4.88 -25.13
CA ASP A 60 -3.96 -5.97 -26.12
C ASP A 60 -3.23 -5.56 -27.39
N GLY A 61 -2.26 -4.64 -27.26
CA GLY A 61 -1.38 -4.28 -28.37
C GLY A 61 -0.36 -5.37 -28.71
N ARG A 62 0.71 -4.96 -29.37
CA ARG A 62 1.72 -5.90 -29.85
C ARG A 62 2.58 -6.50 -28.73
N GLY A 63 2.65 -5.80 -27.60
CA GLY A 63 3.56 -6.14 -26.51
C GLY A 63 4.85 -5.38 -26.71
N ILE A 64 5.44 -4.89 -25.63
CA ILE A 64 6.74 -4.20 -25.70
C ILE A 64 7.79 -5.22 -26.23
N PRO A 65 8.62 -4.82 -27.23
CA PRO A 65 9.67 -5.71 -27.74
C PRO A 65 10.55 -6.33 -26.64
N THR A 66 10.81 -7.62 -26.76
CA THR A 66 11.52 -8.36 -25.73
C THR A 66 12.93 -8.80 -26.13
N GLY A 67 13.29 -8.63 -27.40
CA GLY A 67 14.63 -8.94 -27.85
C GLY A 67 15.69 -8.04 -27.22
N ILE A 68 16.93 -8.47 -27.33
CA ILE A 68 18.06 -7.81 -26.66
C ILE A 68 18.42 -6.54 -27.43
N HIS A 69 18.60 -5.45 -26.68
CA HIS A 69 19.04 -4.18 -27.24
C HIS A 69 20.54 -4.25 -27.53
N PRO A 70 20.96 -4.09 -28.80
CA PRO A 70 22.39 -4.23 -29.13
C PRO A 70 23.33 -3.27 -28.41
N GLU A 71 22.91 -2.03 -28.24
CA GLU A 71 23.70 -1.05 -27.48
C GLU A 71 23.78 -1.39 -25.98
N GLU A 72 22.65 -1.77 -25.38
CA GLU A 72 22.51 -1.82 -23.91
C GLU A 72 22.72 -3.20 -23.31
N GLY A 73 22.62 -4.24 -24.13
CA GLY A 73 22.94 -5.60 -23.69
C GLY A 73 21.91 -6.25 -22.79
N VAL A 74 20.69 -5.68 -22.73
CA VAL A 74 19.56 -6.25 -21.99
C VAL A 74 18.34 -6.10 -22.86
N SER A 75 17.25 -6.78 -22.52
CA SER A 75 16.00 -6.73 -23.32
C SER A 75 15.49 -5.30 -23.49
N ALA A 76 14.98 -5.01 -24.68
CA ALA A 76 14.43 -3.69 -24.99
C ALA A 76 13.37 -3.23 -23.98
N ALA A 77 12.59 -4.17 -23.47
CA ALA A 77 11.60 -3.89 -22.43
C ALA A 77 12.23 -3.26 -21.19
N GLU A 78 13.29 -3.88 -20.68
CA GLU A 78 14.02 -3.34 -19.55
C GLU A 78 14.60 -1.96 -19.85
N VAL A 79 15.06 -1.75 -21.07
CA VAL A 79 15.60 -0.46 -21.48
C VAL A 79 14.51 0.62 -21.31
N ILE A 80 13.32 0.32 -21.78
CA ILE A 80 12.18 1.24 -21.61
C ILE A 80 11.87 1.50 -20.13
N MET A 81 11.91 0.47 -19.30
CA MET A 81 11.59 0.60 -17.88
C MET A 81 12.68 1.29 -17.04
N THR A 82 13.91 1.41 -17.54
CA THR A 82 15.04 1.86 -16.71
C THR A 82 15.87 3.06 -17.22
N VAL A 83 15.54 3.58 -18.41
CA VAL A 83 16.27 4.68 -19.01
C VAL A 83 15.32 5.86 -19.20
N LEU A 84 15.80 7.07 -18.90
CA LEU A 84 15.08 8.31 -19.22
C LEU A 84 15.17 8.63 -20.71
N GLY A 103 4.27 13.33 -22.05
CA GLY A 103 4.61 12.43 -20.95
C GLY A 103 6.04 12.55 -20.46
N VAL A 104 6.32 11.88 -19.34
CA VAL A 104 7.66 11.85 -18.72
C VAL A 104 8.38 10.51 -18.89
N GLY A 105 7.62 9.42 -19.01
CA GLY A 105 8.18 8.09 -19.23
C GLY A 105 7.74 7.08 -18.17
N VAL A 106 7.55 5.84 -18.61
CA VAL A 106 7.19 4.75 -17.73
C VAL A 106 8.34 4.37 -16.76
N SER A 107 9.57 4.71 -17.11
CA SER A 107 10.69 4.52 -16.20
C SER A 107 10.62 5.41 -14.95
N VAL A 108 10.01 6.58 -15.05
CA VAL A 108 9.74 7.41 -13.87
C VAL A 108 8.81 6.69 -12.89
N VAL A 109 7.78 6.03 -13.41
CA VAL A 109 6.84 5.27 -12.59
C VAL A 109 7.58 4.12 -11.91
N ASN A 110 8.39 3.42 -12.68
CA ASN A 110 9.22 2.34 -12.18
C ASN A 110 10.15 2.78 -11.06
N ALA A 111 10.83 3.91 -11.27
CA ALA A 111 11.70 4.49 -10.26
C ALA A 111 10.99 4.77 -8.91
N LEU A 112 9.76 5.28 -8.98
CA LEU A 112 8.99 5.64 -7.77
C LEU A 112 8.06 4.54 -7.26
N SER A 113 8.16 3.35 -7.84
CA SER A 113 7.42 2.18 -7.37
C SER A 113 8.36 1.30 -6.58
N GLN A 114 7.95 0.92 -5.38
CA GLN A 114 8.72 -0.05 -4.59
C GLN A 114 8.70 -1.44 -5.22
N LYS A 115 7.72 -1.70 -6.07
CA LYS A 115 7.65 -2.94 -6.81
C LYS A 115 6.88 -2.69 -8.11
N LEU A 116 7.29 -3.36 -9.17
CA LEU A 116 6.64 -3.24 -10.46
C LEU A 116 6.73 -4.58 -11.20
N GLU A 117 5.58 -5.08 -11.64
CA GLU A 117 5.48 -6.36 -12.34
C GLU A 117 5.17 -6.07 -13.80
N LEU A 118 5.99 -6.60 -14.69
CA LEU A 118 5.82 -6.44 -16.13
C LEU A 118 5.56 -7.80 -16.77
N VAL A 119 4.44 -7.94 -17.46
CA VAL A 119 4.13 -9.17 -18.20
C VAL A 119 3.85 -8.80 -19.66
N ILE A 120 4.66 -9.35 -20.57
CA ILE A 120 4.50 -9.13 -21.99
C ILE A 120 4.07 -10.43 -22.66
N GLN A 121 3.03 -10.35 -23.48
CA GLN A 121 2.62 -11.44 -24.37
C GLN A 121 3.00 -11.03 -25.79
N ARG A 122 3.88 -11.82 -26.41
CA ARG A 122 4.42 -11.49 -27.74
C ARG A 122 5.10 -12.70 -28.38
N GLU A 123 4.93 -12.83 -29.69
CA GLU A 123 5.57 -13.87 -30.49
C GLU A 123 5.44 -15.25 -29.86
N GLY A 124 4.23 -15.55 -29.39
CA GLY A 124 3.91 -16.87 -28.86
C GLY A 124 4.27 -17.12 -27.41
N LYS A 125 5.07 -16.23 -26.81
CA LYS A 125 5.64 -16.47 -25.48
C LYS A 125 5.18 -15.40 -24.47
N ILE A 126 5.01 -15.82 -23.23
CA ILE A 126 4.73 -14.92 -22.12
C ILE A 126 6.06 -14.58 -21.45
N HIS A 127 6.35 -13.30 -21.31
CA HIS A 127 7.57 -12.83 -20.66
C HIS A 127 7.19 -12.11 -19.37
N ARG A 128 8.02 -12.25 -18.34
CA ARG A 128 7.75 -11.64 -17.03
C ARG A 128 9.01 -11.06 -16.43
N GLN A 129 8.88 -9.96 -15.70
CA GLN A 129 9.99 -9.33 -15.00
C GLN A 129 9.51 -8.48 -13.81
N ILE A 130 10.30 -8.49 -12.74
CA ILE A 130 9.98 -7.80 -11.51
C ILE A 130 11.04 -6.74 -11.26
N TYR A 131 10.62 -5.55 -10.86
CA TYR A 131 11.55 -4.49 -10.47
C TYR A 131 11.27 -4.10 -9.05
N GLU A 132 12.25 -3.48 -8.39
CA GLU A 132 12.06 -2.87 -7.07
C GLU A 132 12.85 -1.57 -7.02
N HIS A 133 12.13 -0.46 -6.90
CA HIS A 133 12.73 0.87 -6.97
C HIS A 133 13.53 1.04 -8.24
N GLY A 134 12.98 0.56 -9.35
CA GLY A 134 13.59 0.69 -10.66
C GLY A 134 14.66 -0.33 -11.01
N VAL A 135 15.00 -1.22 -10.07
CA VAL A 135 16.10 -2.16 -10.22
C VAL A 135 15.53 -3.55 -10.54
N PRO A 136 15.88 -4.11 -11.72
CA PRO A 136 15.36 -5.44 -12.07
C PRO A 136 15.89 -6.52 -11.16
N GLN A 137 15.01 -7.40 -10.69
CA GLN A 137 15.39 -8.49 -9.81
C GLN A 137 15.97 -9.65 -10.58
N ALA A 138 15.62 -9.75 -11.86
CA ALA A 138 16.22 -10.73 -12.74
C ALA A 138 16.02 -10.27 -14.18
N PRO A 139 16.73 -10.90 -15.13
CA PRO A 139 16.46 -10.56 -16.53
C PRO A 139 15.04 -10.90 -16.95
N LEU A 140 14.57 -10.23 -17.99
CA LEU A 140 13.27 -10.57 -18.58
C LEU A 140 13.32 -12.06 -18.90
N ALA A 141 12.31 -12.80 -18.46
CA ALA A 141 12.28 -14.26 -18.56
C ALA A 141 11.00 -14.76 -19.21
N VAL A 142 11.14 -15.76 -20.08
CA VAL A 142 9.99 -16.48 -20.65
C VAL A 142 9.43 -17.44 -19.60
N THR A 143 8.11 -17.36 -19.37
CA THR A 143 7.42 -18.21 -18.39
C THR A 143 6.40 -19.18 -18.97
N GLY A 144 5.96 -18.97 -20.22
CA GLY A 144 4.99 -19.86 -20.82
C GLY A 144 4.66 -19.49 -22.26
N GLU A 145 3.55 -20.04 -22.76
CA GLU A 145 3.13 -19.85 -24.14
C GLU A 145 1.79 -19.14 -24.20
N THR A 146 1.54 -18.44 -25.29
CA THR A 146 0.33 -17.66 -25.43
C THR A 146 -0.03 -17.37 -26.89
N GLU A 147 -1.25 -17.78 -27.22
CA GLU A 147 -2.03 -17.23 -28.34
C GLU A 147 -2.08 -15.68 -28.36
N LYS A 148 -2.27 -15.04 -27.20
CA LYS A 148 -2.55 -13.59 -27.11
C LYS A 148 -1.30 -12.71 -27.28
N THR A 149 -1.51 -11.41 -27.38
CA THR A 149 -0.44 -10.41 -27.25
C THR A 149 -0.87 -9.17 -26.46
N GLY A 150 0.09 -8.53 -25.80
CA GLY A 150 -0.16 -7.31 -25.06
C GLY A 150 0.77 -7.12 -23.89
N THR A 151 0.70 -5.95 -23.29
CA THR A 151 1.52 -5.60 -22.14
C THR A 151 0.64 -5.47 -20.92
N MET A 152 1.11 -6.02 -19.80
CA MET A 152 0.51 -5.78 -18.50
C MET A 152 1.59 -5.14 -17.61
N VAL A 153 1.29 -4.00 -17.01
CA VAL A 153 2.17 -3.37 -16.03
C VAL A 153 1.39 -3.19 -14.74
N ARG A 154 1.91 -3.72 -13.65
CA ARG A 154 1.33 -3.54 -12.33
C ARG A 154 2.36 -2.95 -11.39
N PHE A 155 2.03 -1.87 -10.71
CA PHE A 155 3.02 -1.19 -9.89
C PHE A 155 2.47 -0.88 -8.52
N TRP A 156 3.37 -0.93 -7.54
CA TRP A 156 3.06 -0.62 -6.17
C TRP A 156 3.82 0.67 -5.85
N PRO A 157 3.11 1.79 -5.73
CA PRO A 157 3.83 3.01 -5.43
C PRO A 157 4.58 2.93 -4.09
N SER A 158 5.71 3.62 -4.02
CA SER A 158 6.54 3.67 -2.81
C SER A 158 5.97 4.69 -1.82
N LEU A 159 5.76 4.26 -0.59
CA LEU A 159 5.31 5.14 0.48
C LEU A 159 6.43 5.97 1.09
N GLU A 160 7.67 5.74 0.66
CA GLU A 160 8.79 6.63 0.98
C GLU A 160 8.65 7.93 0.17
N THR A 161 8.11 7.84 -1.03
CA THR A 161 7.91 8.97 -1.93
C THR A 161 6.55 9.63 -1.73
N PHE A 162 5.49 8.82 -1.71
CA PHE A 162 4.13 9.35 -1.70
C PHE A 162 3.58 9.44 -0.29
N THR A 163 3.24 10.66 0.11
CA THR A 163 2.90 10.96 1.49
C THR A 163 1.51 11.59 1.58
N ASN A 164 0.88 11.43 2.73
CA ASN A 164 -0.43 12.02 3.05
C ASN A 164 -1.55 11.35 2.24
N VAL A 165 -1.66 11.64 0.96
CA VAL A 165 -2.58 10.92 0.07
C VAL A 165 -1.87 9.67 -0.45
N THR A 166 -2.26 8.52 0.08
CA THR A 166 -1.68 7.22 -0.26
C THR A 166 -2.67 6.20 -0.88
N GLU A 167 -3.96 6.55 -0.96
CA GLU A 167 -5.01 5.71 -1.56
C GLU A 167 -5.28 6.21 -2.97
N PHE A 168 -5.51 5.29 -3.90
CA PHE A 168 -6.05 5.66 -5.21
C PHE A 168 -7.53 5.98 -5.05
N GLU A 169 -8.01 6.86 -5.92
CA GLU A 169 -9.36 7.42 -5.84
C GLU A 169 -10.00 7.12 -7.19
N TYR A 170 -11.02 6.27 -7.15
CA TYR A 170 -11.76 5.84 -8.32
C TYR A 170 -12.17 7.01 -9.23
N GLU A 171 -12.85 8.00 -8.66
CA GLU A 171 -13.41 9.10 -9.46
C GLU A 171 -12.35 9.87 -10.23
N ILE A 172 -11.14 9.99 -9.68
CA ILE A 172 -10.06 10.65 -10.42
C ILE A 172 -9.71 9.88 -11.67
N LEU A 173 -9.51 8.57 -11.52
CA LEU A 173 -9.23 7.66 -12.64
C LEU A 173 -10.35 7.63 -13.67
N ALA A 174 -11.57 7.47 -13.20
CA ALA A 174 -12.75 7.43 -14.06
C ALA A 174 -12.91 8.70 -14.92
N LYS A 175 -12.80 9.86 -14.29
CA LYS A 175 -12.94 11.16 -14.99
C LYS A 175 -11.92 11.26 -16.14
N ARG A 176 -10.67 10.92 -15.86
CA ARG A 176 -9.62 10.97 -16.87
C ARG A 176 -9.78 9.95 -18.01
N LEU A 177 -10.14 8.71 -17.66
CA LEU A 177 -10.29 7.67 -18.65
C LEU A 177 -11.49 7.93 -19.54
N ARG A 178 -12.55 8.47 -18.97
CA ARG A 178 -13.70 8.87 -19.78
C ARG A 178 -13.29 9.95 -20.77
N GLU A 179 -12.56 10.93 -20.26
CA GLU A 179 -12.01 12.00 -21.11
C GLU A 179 -11.16 11.40 -22.24
N LEU A 180 -10.32 10.41 -21.92
CA LEU A 180 -9.51 9.71 -22.94
C LEU A 180 -10.27 8.91 -23.99
N SER A 181 -11.38 8.27 -23.61
CA SER A 181 -12.16 7.50 -24.58
C SER A 181 -12.58 8.35 -25.77
N PHE A 182 -13.02 9.58 -25.52
CA PHE A 182 -13.45 10.46 -26.61
C PHE A 182 -12.36 10.81 -27.61
N LEU A 183 -11.11 10.85 -27.16
CA LEU A 183 -9.98 11.09 -28.06
C LEU A 183 -9.51 9.84 -28.80
N ASN A 184 -10.01 8.65 -28.43
CA ASN A 184 -9.52 7.39 -28.99
C ASN A 184 -10.68 6.50 -29.42
N SER A 185 -11.15 6.74 -30.64
CA SER A 185 -12.35 6.08 -31.14
C SER A 185 -12.11 4.58 -31.28
N GLY A 186 -13.12 3.80 -30.92
CA GLY A 186 -13.06 2.35 -31.03
C GLY A 186 -12.20 1.63 -30.02
N VAL A 187 -11.78 2.32 -28.96
CA VAL A 187 -10.93 1.76 -27.94
C VAL A 187 -11.76 1.54 -26.69
N SER A 188 -11.77 0.29 -26.23
CA SER A 188 -12.49 -0.09 -25.05
C SER A 188 -11.60 0.16 -23.84
N ILE A 189 -12.06 0.99 -22.91
CA ILE A 189 -11.30 1.28 -21.70
C ILE A 189 -12.15 0.91 -20.50
N ARG A 190 -11.76 -0.16 -19.80
CA ARG A 190 -12.45 -0.62 -18.59
C ARG A 190 -11.69 -0.22 -17.33
N LEU A 191 -12.41 0.27 -16.34
CA LEU A 191 -11.84 0.55 -15.03
C LEU A 191 -12.49 -0.39 -14.04
N ARG A 192 -11.68 -1.03 -13.18
CA ARG A 192 -12.19 -1.98 -12.18
C ARG A 192 -11.56 -1.69 -10.84
N ASP A 193 -12.37 -1.72 -9.78
CA ASP A 193 -11.89 -1.49 -8.44
C ASP A 193 -12.18 -2.75 -7.62
N LYS A 194 -11.12 -3.50 -7.30
CA LYS A 194 -11.25 -4.72 -6.51
C LYS A 194 -11.53 -4.48 -5.03
N ARG A 195 -11.47 -3.23 -4.59
CA ARG A 195 -11.73 -2.92 -3.18
C ARG A 195 -13.22 -3.05 -2.88
N ASP A 196 -14.07 -2.64 -3.82
CA ASP A 196 -15.52 -2.63 -3.64
C ASP A 196 -16.35 -3.12 -4.83
N GLY A 197 -15.71 -3.63 -5.87
CA GLY A 197 -16.42 -4.12 -7.05
C GLY A 197 -16.88 -3.09 -8.08
N LYS A 198 -16.68 -1.78 -7.85
CA LYS A 198 -17.06 -0.77 -8.86
C LYS A 198 -16.33 -1.03 -10.18
N GLU A 199 -16.97 -0.63 -11.25
CA GLU A 199 -16.65 -1.07 -12.60
C GLU A 199 -17.19 0.01 -13.54
N ASP A 200 -16.41 0.41 -14.54
CA ASP A 200 -16.89 1.31 -15.57
C ASP A 200 -16.35 0.88 -16.89
N HIS A 201 -16.99 1.32 -17.96
CA HIS A 201 -16.60 0.94 -19.31
C HIS A 201 -16.82 2.11 -20.24
N PHE A 202 -15.73 2.67 -20.76
CA PHE A 202 -15.77 3.80 -21.65
C PHE A 202 -15.43 3.27 -23.02
N HIS A 203 -16.38 3.36 -23.93
CA HIS A 203 -16.22 2.84 -25.27
C HIS A 203 -16.94 3.75 -26.23
N TYR A 204 -16.22 4.73 -26.76
CA TYR A 204 -16.76 5.73 -27.67
C TYR A 204 -16.50 5.32 -29.13
N GLU A 205 -17.53 5.41 -29.97
CA GLU A 205 -17.48 4.89 -31.35
C GLU A 205 -17.89 5.90 -32.45
N GLY A 206 -17.59 7.19 -32.26
CA GLY A 206 -17.98 8.26 -33.21
C GLY A 206 -16.85 8.90 -34.00
N LEU B 2 16.08 -6.08 15.55
CA LEU B 2 15.39 -5.33 14.46
C LEU B 2 15.57 -6.03 13.11
N ASP B 3 16.81 -6.23 12.70
CA ASP B 3 17.12 -6.96 11.45
C ASP B 3 16.91 -8.49 11.57
N ALA B 4 16.89 -9.01 12.80
CA ALA B 4 16.61 -10.43 13.04
C ALA B 4 15.16 -10.80 12.73
N VAL B 5 14.25 -9.90 13.11
CA VAL B 5 12.82 -10.08 12.84
C VAL B 5 12.56 -10.09 11.34
N ARG B 6 13.21 -9.20 10.60
CA ARG B 6 13.02 -9.12 9.15
C ARG B 6 13.65 -10.29 8.39
N LYS B 7 14.71 -10.90 8.93
CA LYS B 7 15.36 -12.06 8.31
C LYS B 7 14.50 -13.32 8.43
N ARG B 8 14.01 -13.58 9.65
CA ARG B 8 13.14 -14.75 9.93
C ARG B 8 11.81 -14.31 10.56
N PRO B 9 10.92 -13.65 9.78
CA PRO B 9 9.67 -13.11 10.33
C PRO B 9 8.68 -14.14 10.82
N GLY B 10 8.62 -15.28 10.12
CA GLY B 10 7.76 -16.42 10.51
C GLY B 10 7.83 -16.83 11.98
N MET B 11 9.05 -16.79 12.54
CA MET B 11 9.28 -17.11 13.96
C MET B 11 8.52 -16.17 14.91
N TYR B 12 8.50 -14.88 14.58
CA TYR B 12 7.93 -13.86 15.46
C TYR B 12 6.42 -13.61 15.26
N ILE B 13 5.97 -13.54 14.01
CA ILE B 13 4.59 -13.12 13.71
C ILE B 13 3.63 -14.26 13.32
N GLY B 14 4.16 -15.39 12.85
CA GLY B 14 3.33 -16.51 12.36
C GLY B 14 3.59 -16.76 10.89
N ASP B 15 2.73 -17.55 10.24
CA ASP B 15 2.93 -17.87 8.82
C ASP B 15 2.64 -16.62 7.97
N THR B 16 3.63 -16.22 7.17
CA THR B 16 3.57 -15.01 6.36
C THR B 16 3.12 -15.26 4.90
N ASP B 17 2.63 -16.48 4.62
CA ASP B 17 2.08 -16.80 3.31
C ASP B 17 0.57 -17.05 3.32
N ASP B 18 0.02 -17.58 4.41
CA ASP B 18 -1.42 -17.89 4.48
C ASP B 18 -2.28 -16.81 5.16
N GLY B 19 -1.71 -15.64 5.41
CA GLY B 19 -2.45 -14.54 6.02
C GLY B 19 -2.66 -14.58 7.53
N THR B 20 -2.19 -15.61 8.23
CA THR B 20 -2.38 -15.69 9.68
C THR B 20 -1.49 -14.67 10.39
N GLY B 21 -0.23 -14.59 9.94
CA GLY B 21 0.70 -13.58 10.43
C GLY B 21 0.25 -12.17 10.10
N LEU B 22 -0.28 -11.97 8.90
CA LEU B 22 -0.80 -10.66 8.48
C LEU B 22 -1.85 -10.13 9.45
N HIS B 23 -2.81 -10.97 9.85
CA HIS B 23 -3.89 -10.53 10.76
C HIS B 23 -3.46 -10.52 12.21
N HIS B 24 -2.49 -11.35 12.54
CA HIS B 24 -1.88 -11.30 13.85
C HIS B 24 -1.25 -9.92 14.13
N MET B 25 -0.73 -9.27 13.08
CA MET B 25 -0.23 -7.90 13.18
C MET B 25 -1.30 -6.96 13.75
N VAL B 26 -2.53 -7.09 13.24
CA VAL B 26 -3.63 -6.29 13.72
C VAL B 26 -3.92 -6.62 15.18
N PHE B 27 -3.93 -7.90 15.49
CA PHE B 27 -4.35 -8.35 16.82
C PHE B 27 -3.36 -7.97 17.89
N GLU B 28 -2.07 -7.96 17.55
CA GLU B 28 -1.07 -7.50 18.50
C GLU B 28 -1.29 -6.02 18.86
N VAL B 29 -1.66 -5.20 17.88
CA VAL B 29 -1.94 -3.78 18.12
C VAL B 29 -3.23 -3.61 18.92
N VAL B 30 -4.23 -4.40 18.60
CA VAL B 30 -5.50 -4.38 19.31
C VAL B 30 -5.34 -4.78 20.78
N ASP B 31 -4.46 -5.74 21.07
CA ASP B 31 -4.27 -6.19 22.46
C ASP B 31 -3.61 -5.13 23.33
N ASN B 32 -2.81 -4.26 22.72
CA ASN B 32 -2.31 -3.07 23.43
C ASN B 32 -3.41 -2.13 23.88
N ALA B 33 -4.39 -1.91 23.01
CA ALA B 33 -5.58 -1.15 23.36
C ALA B 33 -6.42 -1.88 24.40
N ILE B 34 -6.57 -3.18 24.23
CA ILE B 34 -7.32 -4.00 25.20
C ILE B 34 -6.67 -4.04 26.58
N ASP B 35 -5.35 -3.93 26.65
CA ASP B 35 -4.65 -3.73 27.93
C ASP B 35 -5.07 -2.43 28.65
N GLU B 36 -5.26 -1.35 27.88
CA GLU B 36 -5.71 -0.08 28.44
C GLU B 36 -7.15 -0.14 28.94
N ALA B 37 -7.97 -0.94 28.27
CA ALA B 37 -9.34 -1.19 28.69
C ALA B 37 -9.37 -2.06 29.95
N LEU B 38 -8.57 -3.12 29.94
CA LEU B 38 -8.43 -3.99 31.10
C LEU B 38 -7.97 -3.22 32.35
N ALA B 39 -7.13 -2.19 32.15
CA ALA B 39 -6.67 -1.34 33.25
C ALA B 39 -7.69 -0.29 33.72
N GLY B 40 -8.79 -0.12 32.97
CA GLY B 40 -9.89 0.79 33.35
C GLY B 40 -9.96 2.12 32.60
N HIS B 41 -8.96 2.43 31.78
CA HIS B 41 -8.83 3.77 31.16
C HIS B 41 -9.42 3.91 29.75
N CYS B 42 -9.43 2.82 28.99
CA CYS B 42 -10.01 2.83 27.64
C CYS B 42 -11.43 2.29 27.71
N LYS B 43 -12.36 2.97 27.04
CA LYS B 43 -13.72 2.45 26.86
C LYS B 43 -14.21 2.41 25.39
N GLU B 44 -13.45 2.98 24.45
CA GLU B 44 -13.80 2.98 23.03
C GLU B 44 -12.56 2.65 22.20
N ILE B 45 -12.71 1.67 21.30
CA ILE B 45 -11.66 1.25 20.38
C ILE B 45 -12.20 1.21 18.95
N ILE B 46 -11.50 1.85 18.02
CA ILE B 46 -11.91 1.86 16.63
C ILE B 46 -10.83 1.24 15.79
N VAL B 47 -11.19 0.19 15.05
CA VAL B 47 -10.28 -0.50 14.16
C VAL B 47 -10.74 -0.21 12.73
N THR B 48 -9.84 0.28 11.89
CA THR B 48 -10.20 0.73 10.55
C THR B 48 -9.30 0.07 9.55
N ILE B 49 -9.90 -0.54 8.54
CA ILE B 49 -9.17 -1.00 7.37
C ILE B 49 -9.29 0.12 6.36
N HIS B 50 -8.16 0.70 5.97
CA HIS B 50 -8.16 1.79 5.02
C HIS B 50 -8.03 1.25 3.61
N ALA B 51 -8.39 2.10 2.65
CA ALA B 51 -8.40 1.77 1.22
C ALA B 51 -7.02 1.77 0.54
N ASP B 52 -5.94 1.82 1.32
CA ASP B 52 -4.58 1.55 0.84
C ASP B 52 -3.98 0.33 1.52
N ASN B 53 -4.83 -0.59 1.99
CA ASN B 53 -4.42 -1.79 2.70
C ASN B 53 -3.57 -1.53 3.93
N SER B 54 -3.92 -0.49 4.68
CA SER B 54 -3.37 -0.26 6.00
C SER B 54 -4.49 -0.47 7.00
N VAL B 55 -4.09 -0.72 8.24
CA VAL B 55 -5.02 -0.81 9.34
C VAL B 55 -4.60 0.18 10.40
N SER B 56 -5.57 0.94 10.93
CA SER B 56 -5.34 1.67 12.15
C SER B 56 -6.16 1.11 13.30
N VAL B 57 -5.64 1.32 14.50
CA VAL B 57 -6.29 0.96 15.74
C VAL B 57 -6.19 2.19 16.65
N GLN B 58 -7.36 2.71 17.01
CA GLN B 58 -7.53 3.91 17.82
C GLN B 58 -8.11 3.51 19.16
N ASP B 59 -7.54 3.98 20.25
CA ASP B 59 -8.12 3.82 21.59
C ASP B 59 -8.19 5.17 22.28
N ASP B 60 -9.00 5.24 23.32
CA ASP B 60 -9.11 6.45 24.14
C ASP B 60 -8.58 6.22 25.56
N GLY B 61 -7.49 5.47 25.66
CA GLY B 61 -6.80 5.29 26.91
C GLY B 61 -6.01 6.53 27.31
N ARG B 62 -4.97 6.31 28.09
CA ARG B 62 -4.18 7.41 28.64
C ARG B 62 -3.22 8.01 27.62
N GLY B 63 -2.91 7.26 26.57
CA GLY B 63 -1.83 7.61 25.66
C GLY B 63 -0.55 6.96 26.16
N ILE B 64 0.24 6.44 25.22
CA ILE B 64 1.54 5.87 25.54
C ILE B 64 2.44 7.01 26.05
N PRO B 65 3.23 6.77 27.11
CA PRO B 65 4.09 7.84 27.62
C PRO B 65 5.06 8.41 26.58
N THR B 66 5.13 9.74 26.55
CA THR B 66 5.89 10.45 25.53
C THR B 66 7.19 11.03 26.06
N GLY B 67 7.37 11.05 27.38
CA GLY B 67 8.55 11.61 27.98
C GLY B 67 9.77 10.80 27.64
N ILE B 68 10.94 11.44 27.73
CA ILE B 68 12.20 10.79 27.36
C ILE B 68 12.51 9.66 28.31
N HIS B 69 13.04 8.57 27.76
CA HIS B 69 13.50 7.40 28.52
C HIS B 69 14.93 7.68 29.00
N PRO B 70 15.17 7.64 30.32
CA PRO B 70 16.50 7.91 30.87
C PRO B 70 17.62 7.09 30.22
N GLU B 71 17.40 5.78 30.07
CA GLU B 71 18.41 4.87 29.53
C GLU B 71 18.70 5.08 28.04
N GLU B 72 17.64 5.16 27.22
CA GLU B 72 17.77 5.06 25.76
C GLU B 72 17.88 6.42 25.07
N GLY B 73 17.45 7.49 25.75
CA GLY B 73 17.64 8.85 25.25
C GLY B 73 16.65 9.31 24.20
N VAL B 74 15.54 8.58 24.08
CA VAL B 74 14.46 8.92 23.15
C VAL B 74 13.16 8.73 23.91
N SER B 75 12.05 9.22 23.35
CA SER B 75 10.73 9.09 23.99
C SER B 75 10.42 7.62 24.28
N ALA B 76 9.73 7.40 25.40
CA ALA B 76 9.32 6.06 25.82
C ALA B 76 8.50 5.35 24.75
N ALA B 77 7.67 6.11 24.03
CA ALA B 77 6.92 5.59 22.92
C ALA B 77 7.84 5.00 21.85
N GLU B 78 8.88 5.74 21.47
CA GLU B 78 9.87 5.23 20.49
C GLU B 78 10.56 3.95 20.96
N VAL B 79 10.75 3.82 22.27
CA VAL B 79 11.38 2.65 22.86
C VAL B 79 10.48 1.45 22.67
N ILE B 80 9.22 1.62 23.03
CA ILE B 80 8.20 0.59 22.82
C ILE B 80 8.14 0.14 21.36
N MET B 81 8.29 1.07 20.43
CA MET B 81 8.21 0.77 19.00
C MET B 81 9.46 0.15 18.40
N THR B 82 10.60 0.26 19.07
CA THR B 82 11.90 -0.11 18.48
C THR B 82 12.70 -1.12 19.31
N VAL B 83 12.11 -1.72 20.33
CA VAL B 83 12.83 -2.65 21.20
C VAL B 83 11.98 -3.89 21.48
N LEU B 84 12.55 -5.07 21.24
CA LEU B 84 11.95 -6.34 21.68
C LEU B 84 11.92 -6.42 23.21
N HIS B 85 10.71 -6.36 23.79
CA HIS B 85 10.49 -6.41 25.25
C HIS B 85 11.14 -5.24 26.00
N GLY B 103 2.50 -12.69 23.32
CA GLY B 103 2.56 -11.25 23.05
C GLY B 103 3.97 -10.79 22.67
N VAL B 104 4.27 -10.83 21.37
CA VAL B 104 5.60 -10.45 20.84
C VAL B 104 5.92 -8.95 20.89
N GLY B 105 4.89 -8.11 20.83
CA GLY B 105 5.05 -6.67 20.97
C GLY B 105 4.77 -5.91 19.69
N VAL B 106 4.37 -4.66 19.87
CA VAL B 106 4.12 -3.76 18.75
C VAL B 106 5.38 -3.46 17.94
N SER B 107 6.56 -3.61 18.56
CA SER B 107 7.83 -3.46 17.83
C SER B 107 8.03 -4.46 16.69
N VAL B 108 7.47 -5.66 16.82
CA VAL B 108 7.51 -6.64 15.72
C VAL B 108 6.64 -6.15 14.55
N VAL B 109 5.49 -5.57 14.90
CA VAL B 109 4.60 -5.00 13.89
C VAL B 109 5.34 -3.88 13.15
N ASN B 110 5.97 -3.00 13.92
CA ASN B 110 6.76 -1.92 13.34
C ASN B 110 7.81 -2.45 12.38
N ALA B 111 8.61 -3.39 12.87
CA ALA B 111 9.67 -4.02 12.07
C ALA B 111 9.19 -4.55 10.72
N LEU B 112 8.02 -5.19 10.73
CA LEU B 112 7.44 -5.80 9.53
C LEU B 112 6.50 -4.86 8.73
N SER B 113 6.54 -3.55 8.99
CA SER B 113 5.70 -2.60 8.27
C SER B 113 6.55 -1.70 7.40
N GLN B 114 6.13 -1.50 6.17
CA GLN B 114 6.81 -0.54 5.30
C GLN B 114 6.65 0.89 5.80
N LYS B 115 5.58 1.11 6.57
CA LYS B 115 5.31 2.38 7.21
C LYS B 115 4.45 2.16 8.44
N LEU B 116 4.68 2.97 9.46
CA LEU B 116 3.84 3.00 10.65
C LEU B 116 3.71 4.42 11.15
N GLU B 117 2.49 4.89 11.31
CA GLU B 117 2.21 6.21 11.87
C GLU B 117 1.76 6.03 13.31
N LEU B 118 2.39 6.74 14.23
CA LEU B 118 1.99 6.72 15.63
C LEU B 118 1.52 8.12 16.00
N VAL B 119 0.28 8.22 16.48
CA VAL B 119 -0.26 9.47 17.01
C VAL B 119 -0.71 9.23 18.45
N ILE B 120 -0.18 10.04 19.36
CA ILE B 120 -0.48 9.96 20.78
C ILE B 120 -1.04 11.30 21.23
N GLN B 121 -2.16 11.23 21.93
CA GLN B 121 -2.81 12.38 22.53
C GLN B 121 -2.70 12.21 24.03
N ARG B 122 -1.98 13.12 24.67
CA ARG B 122 -1.61 12.98 26.08
C ARG B 122 -1.10 14.32 26.63
N GLU B 123 -1.48 14.63 27.87
CA GLU B 123 -1.03 15.85 28.57
C GLU B 123 -1.30 17.11 27.73
N GLY B 124 -2.49 17.17 27.13
CA GLY B 124 -2.91 18.33 26.34
C GLY B 124 -2.36 18.46 24.93
N LYS B 125 -1.42 17.60 24.55
CA LYS B 125 -0.66 17.75 23.30
C LYS B 125 -0.88 16.53 22.41
N ILE B 126 -0.85 16.74 21.10
CA ILE B 126 -0.88 15.70 20.10
C ILE B 126 0.56 15.48 19.68
N HIS B 127 1.03 14.22 19.76
CA HIS B 127 2.38 13.85 19.35
C HIS B 127 2.30 12.94 18.15
N ARG B 128 3.23 13.07 17.20
CA ARG B 128 3.19 12.25 15.99
C ARG B 128 4.56 11.74 15.59
N GLN B 129 4.62 10.54 15.02
CA GLN B 129 5.88 9.97 14.54
C GLN B 129 5.66 8.92 13.44
N ILE B 130 6.47 9.00 12.39
CA ILE B 130 6.45 8.05 11.28
C ILE B 130 7.66 7.13 11.35
N TYR B 131 7.42 5.84 11.10
CA TYR B 131 8.46 4.86 10.93
C TYR B 131 8.41 4.35 9.51
N GLU B 132 9.57 3.98 8.97
CA GLU B 132 9.67 3.22 7.73
C GLU B 132 10.50 2.00 8.02
N HIS B 133 9.93 0.81 7.81
CA HIS B 133 10.64 -0.45 8.05
C HIS B 133 11.34 -0.48 9.41
N GLY B 134 10.64 0.00 10.44
CA GLY B 134 11.15 -0.01 11.81
C GLY B 134 11.95 1.22 12.21
N VAL B 135 12.42 2.00 11.24
CA VAL B 135 13.31 3.12 11.49
C VAL B 135 12.51 4.41 11.62
N PRO B 136 12.58 5.09 12.78
CA PRO B 136 11.88 6.39 12.89
C PRO B 136 12.49 7.42 11.95
N GLN B 137 11.63 8.19 11.29
CA GLN B 137 12.08 9.22 10.35
C GLN B 137 12.37 10.54 11.02
N ALA B 138 11.93 10.69 12.25
CA ALA B 138 12.17 11.90 13.02
C ALA B 138 11.79 11.60 14.46
N PRO B 139 12.33 12.38 15.40
CA PRO B 139 11.93 12.16 16.78
C PRO B 139 10.47 12.47 16.99
N LEU B 140 9.83 11.77 17.93
CA LEU B 140 8.45 12.05 18.31
C LEU B 140 8.27 13.55 18.58
N ALA B 141 7.30 14.15 17.94
CA ALA B 141 7.16 15.61 17.93
C ALA B 141 5.72 16.05 18.16
N VAL B 142 5.56 17.11 18.92
CA VAL B 142 4.26 17.69 19.17
C VAL B 142 3.79 18.43 17.92
N THR B 143 2.57 18.15 17.48
CA THR B 143 1.97 18.77 16.28
C THR B 143 0.79 19.72 16.58
N GLY B 144 0.27 19.69 17.80
CA GLY B 144 -0.88 20.49 18.15
C GLY B 144 -1.38 20.21 19.55
N GLU B 145 -2.45 20.90 19.93
CA GLU B 145 -3.06 20.78 21.25
C GLU B 145 -4.31 19.91 21.15
N THR B 146 -4.75 19.39 22.30
CA THR B 146 -5.90 18.51 22.34
C THR B 146 -6.44 18.37 23.76
N GLU B 147 -7.75 18.18 23.81
CA GLU B 147 -8.49 17.94 25.04
C GLU B 147 -8.54 16.43 25.35
N LYS B 148 -8.56 15.60 24.30
CA LYS B 148 -8.78 14.16 24.42
C LYS B 148 -7.45 13.45 24.75
N THR B 149 -7.54 12.19 25.13
CA THR B 149 -6.37 11.32 25.30
C THR B 149 -6.54 10.02 24.52
N GLY B 150 -5.42 9.37 24.22
CA GLY B 150 -5.45 8.08 23.54
C GLY B 150 -4.30 7.86 22.58
N THR B 151 -4.28 6.67 22.00
CA THR B 151 -3.22 6.23 21.10
C THR B 151 -3.82 5.75 19.78
N MET B 152 -3.17 6.11 18.69
CA MET B 152 -3.55 5.66 17.36
C MET B 152 -2.30 5.11 16.69
N VAL B 153 -2.37 3.87 16.22
CA VAL B 153 -1.30 3.25 15.47
C VAL B 153 -1.90 2.86 14.13
N ARG B 154 -1.27 3.30 13.05
CA ARG B 154 -1.68 2.92 11.71
C ARG B 154 -0.46 2.29 11.05
N PHE B 155 -0.64 1.15 10.39
CA PHE B 155 0.49 0.48 9.77
C PHE B 155 0.17 -0.12 8.41
N TRP B 156 1.20 -0.13 7.58
CA TRP B 156 1.14 -0.62 6.22
C TRP B 156 2.10 -1.81 6.22
N PRO B 157 1.57 -3.04 6.15
CA PRO B 157 2.48 -4.18 6.17
C PRO B 157 3.44 -4.21 4.98
N SER B 158 4.61 -4.80 5.18
CA SER B 158 5.65 -4.81 4.16
C SER B 158 5.33 -5.78 3.02
N LEU B 159 5.61 -5.37 1.79
CA LEU B 159 5.48 -6.26 0.62
C LEU B 159 6.54 -7.36 0.60
N GLU B 160 7.74 -7.04 1.08
CA GLU B 160 8.81 -8.01 1.19
C GLU B 160 8.42 -9.16 2.12
N THR B 161 7.76 -8.85 3.23
CA THR B 161 7.44 -9.84 4.26
C THR B 161 6.24 -10.71 3.95
N PHE B 162 5.15 -10.11 3.52
CA PHE B 162 3.89 -10.86 3.39
C PHE B 162 3.65 -11.20 1.94
N THR B 163 3.23 -12.44 1.71
CA THR B 163 3.04 -12.96 0.36
C THR B 163 1.75 -13.76 0.24
N ASN B 164 1.33 -13.97 -1.00
CA ASN B 164 0.11 -14.69 -1.34
C ASN B 164 -1.14 -13.98 -0.77
N VAL B 165 -1.48 -14.22 0.50
CA VAL B 165 -2.58 -13.50 1.17
C VAL B 165 -2.00 -12.20 1.72
N THR B 166 -2.16 -11.12 0.97
CA THR B 166 -1.57 -9.83 1.29
C THR B 166 -2.58 -8.78 1.78
N GLU B 167 -3.88 -9.07 1.67
CA GLU B 167 -4.93 -8.10 1.95
C GLU B 167 -5.73 -8.50 3.17
N PHE B 168 -6.09 -7.51 3.97
CA PHE B 168 -6.83 -7.76 5.19
C PHE B 168 -8.25 -8.14 4.83
N GLU B 169 -8.80 -9.04 5.64
CA GLU B 169 -10.05 -9.71 5.36
C GLU B 169 -10.98 -9.36 6.51
N TYR B 170 -12.00 -8.57 6.19
CA TYR B 170 -12.92 -8.02 7.18
C TYR B 170 -13.45 -9.03 8.19
N GLU B 171 -13.89 -10.20 7.71
CA GLU B 171 -14.54 -11.20 8.57
C GLU B 171 -13.60 -11.86 9.57
N ILE B 172 -12.34 -12.08 9.19
CA ILE B 172 -11.35 -12.59 10.14
C ILE B 172 -11.19 -11.62 11.33
N LEU B 173 -11.15 -10.32 11.03
CA LEU B 173 -11.05 -9.30 12.07
C LEU B 173 -12.33 -9.17 12.88
N ALA B 174 -13.47 -9.22 12.20
CA ALA B 174 -14.76 -9.07 12.87
C ALA B 174 -14.99 -10.19 13.87
N LYS B 175 -14.73 -11.41 13.43
CA LYS B 175 -14.78 -12.60 14.27
C LYS B 175 -13.95 -12.41 15.54
N ARG B 176 -12.70 -12.01 15.40
CA ARG B 176 -11.82 -11.86 16.55
C ARG B 176 -12.28 -10.74 17.48
N LEU B 177 -12.67 -9.61 16.89
CA LEU B 177 -13.09 -8.47 17.66
C LEU B 177 -14.37 -8.76 18.43
N ARG B 178 -15.28 -9.50 17.81
CA ARG B 178 -16.49 -9.96 18.48
C ARG B 178 -16.18 -10.81 19.69
N GLU B 179 -15.31 -11.80 19.51
CA GLU B 179 -14.90 -12.69 20.61
C GLU B 179 -14.25 -11.91 21.75
N LEU B 180 -13.50 -10.86 21.41
CA LEU B 180 -12.85 -9.99 22.42
C LEU B 180 -13.83 -9.16 23.22
N SER B 181 -14.91 -8.70 22.58
CA SER B 181 -15.88 -7.84 23.26
C SER B 181 -16.48 -8.58 24.45
N PHE B 182 -16.79 -9.86 24.27
CA PHE B 182 -17.38 -10.67 25.33
C PHE B 182 -16.45 -10.92 26.51
N LEU B 183 -15.15 -10.93 26.27
CA LEU B 183 -14.17 -11.00 27.36
C LEU B 183 -13.87 -9.64 28.03
N ASN B 184 -14.29 -8.53 27.41
CA ASN B 184 -13.98 -7.19 27.91
C ASN B 184 -15.25 -6.35 27.98
N SER B 185 -15.99 -6.52 29.08
CA SER B 185 -17.27 -5.83 29.29
C SER B 185 -17.06 -4.31 29.31
N GLY B 186 -18.03 -3.57 28.77
CA GLY B 186 -18.00 -2.11 28.79
C GLY B 186 -17.15 -1.40 27.75
N VAL B 187 -16.40 -2.16 26.93
CA VAL B 187 -15.53 -1.58 25.93
C VAL B 187 -16.28 -1.56 24.61
N SER B 188 -16.43 -0.38 24.01
CA SER B 188 -16.98 -0.28 22.67
C SER B 188 -15.88 -0.62 21.66
N ILE B 189 -16.19 -1.50 20.72
CA ILE B 189 -15.23 -1.88 19.69
C ILE B 189 -15.91 -1.73 18.35
N ARG B 190 -15.40 -0.82 17.54
CA ARG B 190 -15.92 -0.56 16.20
C ARG B 190 -14.94 -1.04 15.16
N LEU B 191 -15.46 -1.62 14.08
CA LEU B 191 -14.67 -2.04 12.95
C LEU B 191 -15.20 -1.31 11.73
N ARG B 192 -14.33 -0.66 10.98
CA ARG B 192 -14.72 0.07 9.78
C ARG B 192 -13.89 -0.34 8.57
N ASP B 193 -14.57 -0.66 7.47
CA ASP B 193 -13.88 -0.94 6.22
C ASP B 193 -14.13 0.20 5.25
N LYS B 194 -13.11 1.02 5.05
CA LYS B 194 -13.17 2.15 4.13
C LYS B 194 -12.99 1.71 2.67
N ARG B 195 -12.68 0.45 2.44
CA ARG B 195 -12.66 -0.08 1.08
C ARG B 195 -14.06 -0.15 0.49
N ASP B 196 -15.04 -0.59 1.28
CA ASP B 196 -16.44 -0.75 0.82
C ASP B 196 -17.54 -0.22 1.78
N GLY B 197 -17.18 0.53 2.81
CA GLY B 197 -18.14 1.09 3.74
C GLY B 197 -18.73 0.14 4.79
N LYS B 198 -18.39 -1.14 4.77
CA LYS B 198 -18.86 -2.10 5.79
C LYS B 198 -18.40 -1.63 7.18
N GLU B 199 -19.32 -1.62 8.14
CA GLU B 199 -19.04 -1.23 9.53
C GLU B 199 -19.65 -2.27 10.49
N ASP B 200 -19.04 -2.43 11.67
CA ASP B 200 -19.64 -3.23 12.73
C ASP B 200 -19.36 -2.57 14.08
N HIS B 201 -20.11 -2.99 15.09
CA HIS B 201 -19.98 -2.44 16.43
C HIS B 201 -20.26 -3.54 17.47
N PHE B 202 -19.25 -3.85 18.27
CA PHE B 202 -19.36 -4.89 19.28
C PHE B 202 -19.21 -4.23 20.63
N HIS B 203 -20.27 -4.28 21.43
CA HIS B 203 -20.32 -3.64 22.74
C HIS B 203 -21.12 -4.49 23.71
N TYR B 204 -20.44 -5.41 24.39
CA TYR B 204 -21.05 -6.28 25.39
C TYR B 204 -21.01 -5.59 26.75
N GLU B 205 -22.12 -5.63 27.48
CA GLU B 205 -22.24 -4.87 28.74
C GLU B 205 -22.66 -5.70 29.97
N GLY B 206 -22.68 -7.03 29.87
CA GLY B 206 -23.17 -7.90 30.95
C GLY B 206 -22.11 -8.61 31.78
#